data_9KD5
#
_entry.id   9KD5
#
_cell.length_a   64.612
_cell.length_b   47.020
_cell.length_c   103.488
_cell.angle_alpha   90.00
_cell.angle_beta   107.64
_cell.angle_gamma   90.00
#
_symmetry.space_group_name_H-M   'P 1 21 1'
#
loop_
_entity.id
_entity.type
_entity.pdbx_description
1 polymer 'WD repeat-containing protein 5'
2 polymer 'Kinesin-like protein KIF2A'
3 water water
#
loop_
_entity_poly.entity_id
_entity_poly.type
_entity_poly.pdbx_seq_one_letter_code
_entity_poly.pdbx_strand_id
1 'polypeptide(L)'
;GSHMTQSKPTPVKPNYALKFTLAGHTKAVSSVKFSPNGEWLASSSADKLIKIWGAYDGKFEKTISGHKLGISDVAWSSDS
NLLVSASDDKTLKIWDVSSGKCLKTLKGHSNYVFCCNFNPQSNLIVSGSFDESVRIWDVKTGKCLKTLPAHSDPVSAVHF
NRDGSLIVSSSYDGLCRIWDTASGQCLKTLIDDDNPPVSFVKFSPNGKYILAATLDNTLKLWDYSKGKCLKTYTGHKNEK
YCIFANFSVTGGKWIVSGSEDNLVYIWNLQTKEIVQKLQGHTDVVISTACHPTENIIASAALENDKTIKLWKSDC
;
A,B
2 'polypeptide(L)' GSARARPGQ C,D
#
# COMPACT_ATOMS: atom_id res chain seq x y z
N VAL A 12 -21.69 -10.14 0.83
CA VAL A 12 -21.41 -11.55 0.59
C VAL A 12 -19.95 -11.64 0.15
N LYS A 13 -19.36 -12.83 0.27
CA LYS A 13 -17.96 -13.05 -0.04
C LYS A 13 -17.83 -14.32 -0.86
N PRO A 14 -16.81 -14.40 -1.71
CA PRO A 14 -16.67 -15.60 -2.53
C PRO A 14 -16.14 -16.74 -1.68
N ASN A 15 -16.29 -17.95 -2.19
CA ASN A 15 -15.77 -19.14 -1.53
C ASN A 15 -15.01 -19.99 -2.53
N TYR A 16 -14.08 -19.36 -3.25
CA TYR A 16 -13.26 -20.10 -4.20
C TYR A 16 -12.56 -21.25 -3.51
N ALA A 17 -12.69 -22.43 -4.11
CA ALA A 17 -12.05 -23.64 -3.62
C ALA A 17 -11.25 -24.27 -4.73
N LEU A 18 -10.13 -24.89 -4.36
CA LEU A 18 -9.27 -25.54 -5.33
C LEU A 18 -9.98 -26.72 -5.98
N LYS A 19 -9.99 -26.74 -7.31
CA LYS A 19 -10.55 -27.83 -8.10
C LYS A 19 -9.50 -28.66 -8.80
N PHE A 20 -8.48 -28.02 -9.37
CA PHE A 20 -7.43 -28.73 -10.10
C PHE A 20 -6.10 -28.02 -9.95
N THR A 21 -5.03 -28.82 -9.97
CA THR A 21 -3.67 -28.34 -10.14
C THR A 21 -3.14 -28.90 -11.45
N LEU A 22 -2.70 -28.02 -12.34
CA LEU A 22 -2.25 -28.41 -13.68
C LEU A 22 -0.73 -28.36 -13.70
N ALA A 23 -0.11 -29.53 -13.76
CA ALA A 23 1.34 -29.66 -13.84
C ALA A 23 1.74 -30.06 -15.25
N GLY A 24 2.98 -29.75 -15.61
CA GLY A 24 3.47 -30.07 -16.94
C GLY A 24 4.51 -29.10 -17.46
N HIS A 25 4.43 -27.83 -17.10
CA HIS A 25 5.51 -26.92 -17.45
C HIS A 25 6.74 -27.26 -16.63
N THR A 26 7.92 -27.07 -17.23
CA THR A 26 9.17 -27.42 -16.58
C THR A 26 9.94 -26.21 -16.09
N LYS A 27 9.42 -25.00 -16.32
CA LYS A 27 9.95 -23.77 -15.73
C LYS A 27 8.78 -22.92 -15.29
N ALA A 28 9.08 -21.77 -14.68
CA ALA A 28 8.07 -20.80 -14.27
C ALA A 28 6.96 -20.66 -15.31
N VAL A 29 5.72 -20.63 -14.85
CA VAL A 29 4.62 -20.20 -15.71
C VAL A 29 4.59 -18.67 -15.68
N SER A 30 4.33 -18.06 -16.83
CA SER A 30 4.34 -16.61 -16.93
C SER A 30 2.95 -15.98 -17.09
N SER A 31 2.01 -16.65 -17.75
CA SER A 31 0.72 -16.04 -18.02
C SER A 31 -0.31 -17.14 -18.29
N VAL A 32 -1.51 -16.98 -17.75
CA VAL A 32 -2.64 -17.83 -18.11
C VAL A 32 -3.80 -16.94 -18.58
N LYS A 33 -4.53 -17.42 -19.59
CA LYS A 33 -5.66 -16.69 -20.17
C LYS A 33 -6.73 -17.72 -20.53
N PHE A 34 -7.98 -17.41 -20.18
CA PHE A 34 -9.09 -18.24 -20.65
C PHE A 34 -9.48 -17.85 -22.06
N SER A 35 -9.84 -18.85 -22.88
CA SER A 35 -10.39 -18.55 -24.19
C SER A 35 -11.70 -17.78 -24.02
N PRO A 36 -11.99 -16.81 -24.89
CA PRO A 36 -13.27 -16.09 -24.80
C PRO A 36 -14.49 -16.98 -24.79
N ASN A 37 -14.44 -18.14 -25.42
CA ASN A 37 -15.57 -19.05 -25.43
C ASN A 37 -15.64 -19.95 -24.20
N GLY A 38 -14.67 -19.84 -23.29
CA GLY A 38 -14.73 -20.50 -22.00
C GLY A 38 -14.25 -21.93 -21.99
N GLU A 39 -13.91 -22.50 -23.14
CA GLU A 39 -13.60 -23.92 -23.23
C GLU A 39 -12.20 -24.24 -22.73
N TRP A 40 -11.26 -23.30 -22.89
CA TRP A 40 -9.84 -23.59 -22.76
C TRP A 40 -9.15 -22.57 -21.87
N LEU A 41 -8.07 -23.04 -21.24
CA LEU A 41 -7.05 -22.19 -20.63
C LEU A 41 -5.76 -22.34 -21.41
N ALA A 42 -5.17 -21.21 -21.80
CA ALA A 42 -3.83 -21.19 -22.38
C ALA A 42 -2.84 -20.72 -21.33
N SER A 43 -1.71 -21.41 -21.22
CA SER A 43 -0.60 -21.01 -20.36
C SER A 43 0.66 -20.80 -21.18
N SER A 44 1.43 -19.77 -20.84
CA SER A 44 2.75 -19.58 -21.40
C SER A 44 3.80 -19.78 -20.31
N SER A 45 5.00 -20.15 -20.72
CA SER A 45 6.00 -20.46 -19.70
C SER A 45 7.39 -20.04 -20.13
N ALA A 46 8.24 -19.85 -19.11
CA ALA A 46 9.68 -19.69 -19.32
C ALA A 46 10.30 -20.90 -20.01
N ASP A 47 9.62 -22.05 -20.00
CA ASP A 47 10.11 -23.24 -20.69
C ASP A 47 9.90 -23.19 -22.20
N LYS A 48 9.52 -22.03 -22.76
CA LYS A 48 9.39 -21.74 -24.19
C LYS A 48 8.10 -22.30 -24.77
N LEU A 49 7.22 -22.86 -23.96
CA LEU A 49 6.03 -23.53 -24.45
C LEU A 49 4.76 -22.79 -24.09
N ILE A 50 3.75 -22.97 -24.93
CA ILE A 50 2.35 -22.69 -24.60
C ILE A 50 1.67 -24.03 -24.40
N LYS A 51 0.85 -24.14 -23.38
CA LYS A 51 0.05 -25.35 -23.20
C LYS A 51 -1.43 -24.98 -23.14
N ILE A 52 -2.25 -25.85 -23.71
CA ILE A 52 -3.69 -25.69 -23.74
C ILE A 52 -4.28 -26.77 -22.85
N TRP A 53 -5.17 -26.34 -21.93
CA TRP A 53 -5.84 -27.18 -20.94
C TRP A 53 -7.35 -26.97 -21.03
N GLY A 54 -8.11 -28.01 -20.70
CA GLY A 54 -9.55 -27.86 -20.56
C GLY A 54 -9.92 -27.03 -19.35
N ALA A 55 -10.75 -26.00 -19.55
CA ALA A 55 -11.07 -25.08 -18.47
C ALA A 55 -11.92 -25.71 -17.36
N TYR A 56 -12.68 -26.79 -17.67
CA TYR A 56 -13.65 -27.35 -16.72
C TYR A 56 -13.20 -28.63 -16.06
N ASP A 57 -12.35 -29.42 -16.71
CA ASP A 57 -11.82 -30.65 -16.13
C ASP A 57 -10.31 -30.60 -15.90
N GLY A 58 -9.66 -29.50 -16.27
CA GLY A 58 -8.23 -29.35 -16.08
C GLY A 58 -7.37 -30.24 -16.95
N LYS A 59 -7.95 -30.91 -17.94
CA LYS A 59 -7.24 -31.92 -18.71
C LYS A 59 -6.30 -31.27 -19.72
N PHE A 60 -5.04 -31.69 -19.71
CA PHE A 60 -4.08 -31.24 -20.71
C PHE A 60 -4.59 -31.56 -22.11
N GLU A 61 -4.56 -30.55 -22.99
CA GLU A 61 -4.98 -30.73 -24.37
C GLU A 61 -3.81 -30.78 -25.33
N LYS A 62 -2.91 -29.78 -25.29
CA LYS A 62 -1.80 -29.86 -26.24
C LYS A 62 -0.67 -28.90 -25.84
N THR A 63 0.49 -29.12 -26.46
CA THR A 63 1.65 -28.26 -26.35
C THR A 63 1.92 -27.57 -27.69
N ILE A 64 2.14 -26.27 -27.64
CA ILE A 64 2.46 -25.44 -28.79
C ILE A 64 3.87 -24.89 -28.59
N SER A 65 4.72 -25.08 -29.59
CA SER A 65 6.15 -24.81 -29.46
C SER A 65 6.69 -24.09 -30.69
N GLY A 66 7.82 -23.43 -30.49
CA GLY A 66 8.50 -22.74 -31.57
C GLY A 66 9.33 -21.54 -31.16
N HIS A 67 8.94 -20.84 -30.09
CA HIS A 67 9.81 -19.79 -29.58
C HIS A 67 11.16 -20.37 -29.17
N LYS A 68 12.22 -19.59 -29.39
CA LYS A 68 13.57 -20.04 -29.07
C LYS A 68 14.00 -19.67 -27.65
N LEU A 69 13.23 -18.83 -26.98
CA LEU A 69 13.47 -18.42 -25.60
C LEU A 69 12.12 -18.41 -24.88
N GLY A 70 12.16 -18.21 -23.56
CA GLY A 70 10.94 -18.26 -22.76
C GLY A 70 9.90 -17.24 -23.20
N ILE A 71 8.65 -17.48 -22.78
CA ILE A 71 7.52 -16.64 -23.13
C ILE A 71 7.03 -15.93 -21.87
N SER A 72 6.69 -14.63 -22.01
CA SER A 72 6.22 -13.82 -20.90
C SER A 72 4.72 -13.55 -20.92
N ASP A 73 4.05 -13.72 -22.07
CA ASP A 73 2.62 -13.43 -22.16
C ASP A 73 2.01 -14.18 -23.34
N VAL A 74 0.69 -14.35 -23.27
CA VAL A 74 -0.09 -14.99 -24.33
C VAL A 74 -1.49 -14.39 -24.29
N ALA A 75 -2.14 -14.30 -25.45
CA ALA A 75 -3.50 -13.77 -25.51
C ALA A 75 -4.27 -14.43 -26.64
N TRP A 76 -5.60 -14.48 -26.48
CA TRP A 76 -6.55 -15.10 -27.39
C TRP A 76 -7.19 -14.08 -28.34
N SER A 77 -7.50 -14.52 -29.56
CA SER A 77 -8.38 -13.73 -30.42
C SER A 77 -9.83 -13.88 -29.97
N SER A 78 -10.70 -12.95 -30.40
CA SER A 78 -12.08 -12.94 -29.91
CA SER A 78 -12.07 -12.95 -29.90
C SER A 78 -12.82 -14.22 -30.30
N ASP A 79 -12.47 -14.81 -31.44
CA ASP A 79 -13.15 -16.03 -31.87
C ASP A 79 -12.55 -17.30 -31.26
N SER A 80 -11.55 -17.16 -30.39
CA SER A 80 -10.87 -18.26 -29.70
C SER A 80 -10.05 -19.15 -30.64
N ASN A 81 -9.80 -18.73 -31.88
CA ASN A 81 -9.08 -19.60 -32.81
C ASN A 81 -7.58 -19.33 -32.84
N LEU A 82 -7.14 -18.13 -32.47
CA LEU A 82 -5.73 -17.80 -32.54
C LEU A 82 -5.19 -17.42 -31.17
N LEU A 83 -3.88 -17.60 -31.03
CA LEU A 83 -3.12 -17.10 -29.90
C LEU A 83 -2.03 -16.18 -30.41
N VAL A 84 -1.60 -15.24 -29.58
CA VAL A 84 -0.36 -14.52 -29.80
C VAL A 84 0.47 -14.63 -28.53
N SER A 85 1.77 -14.84 -28.71
CA SER A 85 2.71 -14.98 -27.61
C SER A 85 3.83 -13.95 -27.75
N ALA A 86 4.37 -13.53 -26.60
CA ALA A 86 5.45 -12.55 -26.52
C ALA A 86 6.66 -13.18 -25.86
N SER A 87 7.83 -13.12 -26.51
CA SER A 87 8.95 -13.94 -26.06
C SER A 87 10.22 -13.12 -25.81
N ASP A 88 11.09 -13.67 -24.96
CA ASP A 88 12.43 -13.15 -24.79
C ASP A 88 13.25 -13.21 -26.08
N ASP A 89 12.84 -14.01 -27.06
CA ASP A 89 13.55 -14.08 -28.34
C ASP A 89 13.28 -12.86 -29.23
N LYS A 90 12.61 -11.83 -28.69
CA LYS A 90 12.34 -10.52 -29.32
C LYS A 90 11.22 -10.59 -30.33
N THR A 91 10.51 -11.71 -30.42
CA THR A 91 9.42 -11.85 -31.36
C THR A 91 8.09 -12.08 -30.63
N LEU A 92 7.02 -11.77 -31.36
CA LEU A 92 5.72 -12.36 -31.08
C LEU A 92 5.43 -13.45 -32.11
N LYS A 93 4.66 -14.43 -31.71
CA LYS A 93 4.18 -15.42 -32.68
C LYS A 93 2.66 -15.49 -32.64
N ILE A 94 2.06 -15.57 -33.83
CA ILE A 94 0.63 -15.83 -33.99
C ILE A 94 0.44 -17.29 -34.35
N TRP A 95 -0.44 -17.96 -33.60
CA TRP A 95 -0.63 -19.40 -33.57
C TRP A 95 -2.07 -19.74 -33.92
N ASP A 96 -2.24 -20.73 -34.79
CA ASP A 96 -3.53 -21.40 -34.98
C ASP A 96 -3.69 -22.46 -33.90
N VAL A 97 -4.67 -22.27 -33.00
CA VAL A 97 -4.76 -23.16 -31.84
C VAL A 97 -5.08 -24.58 -32.26
N SER A 98 -5.99 -24.75 -33.22
CA SER A 98 -6.41 -26.10 -33.62
C SER A 98 -5.26 -26.90 -34.18
N SER A 99 -4.46 -26.29 -35.06
CA SER A 99 -3.34 -27.01 -35.67
C SER A 99 -2.08 -26.94 -34.81
N GLY A 100 -1.91 -25.90 -34.00
CA GLY A 100 -0.68 -25.71 -33.27
C GLY A 100 0.39 -25.00 -34.08
N LYS A 101 0.11 -24.69 -35.34
CA LYS A 101 1.08 -24.10 -36.25
C LYS A 101 1.29 -22.62 -35.95
N CYS A 102 2.55 -22.18 -36.08
CA CYS A 102 2.87 -20.76 -36.10
C CYS A 102 2.51 -20.14 -37.44
N LEU A 103 1.57 -19.20 -37.43
CA LEU A 103 1.12 -18.56 -38.65
C LEU A 103 2.00 -17.39 -39.00
N LYS A 104 2.43 -16.64 -37.99
CA LYS A 104 3.24 -15.45 -38.26
C LYS A 104 4.24 -15.26 -37.13
N THR A 105 5.40 -14.73 -37.47
CA THR A 105 6.38 -14.28 -36.49
C THR A 105 6.57 -12.78 -36.67
N LEU A 106 6.21 -12.02 -35.64
CA LEU A 106 6.23 -10.57 -35.65
C LEU A 106 7.57 -10.10 -35.11
N LYS A 107 8.38 -9.52 -36.00
CA LYS A 107 9.75 -9.11 -35.72
C LYS A 107 9.86 -7.59 -35.81
N GLY A 108 10.68 -7.02 -34.93
CA GLY A 108 10.89 -5.59 -34.93
C GLY A 108 11.24 -5.04 -33.56
N HIS A 109 10.78 -5.67 -32.49
CA HIS A 109 11.28 -5.29 -31.17
C HIS A 109 12.76 -5.63 -31.06
N SER A 110 13.49 -4.81 -30.30
CA SER A 110 14.93 -4.97 -30.14
C SER A 110 15.32 -5.55 -28.78
N ASN A 111 14.35 -5.98 -27.98
CA ASN A 111 14.62 -6.61 -26.69
C ASN A 111 13.42 -7.50 -26.39
N TYR A 112 13.42 -8.11 -25.21
CA TYR A 112 12.35 -9.03 -24.84
C TYR A 112 10.98 -8.42 -25.11
N VAL A 113 10.09 -9.19 -25.72
CA VAL A 113 8.67 -8.81 -25.76
C VAL A 113 8.02 -9.35 -24.50
N PHE A 114 7.31 -8.47 -23.80
CA PHE A 114 6.85 -8.71 -22.43
C PHE A 114 5.36 -8.96 -22.33
N CYS A 115 4.56 -8.28 -23.14
CA CYS A 115 3.11 -8.26 -22.98
C CYS A 115 2.47 -8.13 -24.35
N CYS A 116 1.26 -8.68 -24.51
CA CYS A 116 0.61 -8.68 -25.81
C CYS A 116 -0.90 -8.84 -25.64
N ASN A 117 -1.63 -8.39 -26.65
CA ASN A 117 -3.09 -8.53 -26.65
C ASN A 117 -3.63 -8.30 -28.06
N PHE A 118 -4.75 -8.96 -28.36
CA PHE A 118 -5.54 -8.67 -29.55
C PHE A 118 -6.53 -7.55 -29.24
N ASN A 119 -6.92 -6.81 -30.27
CA ASN A 119 -8.10 -5.96 -30.12
C ASN A 119 -9.37 -6.80 -30.29
N PRO A 120 -10.53 -6.27 -29.86
CA PRO A 120 -11.77 -7.05 -30.00
C PRO A 120 -12.06 -7.50 -31.42
N GLN A 121 -11.83 -6.63 -32.40
CA GLN A 121 -11.97 -7.03 -33.80
C GLN A 121 -11.00 -8.13 -34.15
N SER A 122 -9.84 -8.16 -33.45
CA SER A 122 -8.79 -9.16 -33.64
C SER A 122 -8.14 -9.07 -35.00
N ASN A 123 -8.16 -7.88 -35.58
CA ASN A 123 -7.35 -7.57 -36.74
C ASN A 123 -6.02 -6.93 -36.36
N LEU A 124 -5.87 -6.49 -35.10
CA LEU A 124 -4.64 -5.89 -34.60
C LEU A 124 -4.10 -6.65 -33.38
N ILE A 125 -2.78 -6.58 -33.22
CA ILE A 125 -2.10 -6.99 -32.00
C ILE A 125 -1.32 -5.82 -31.46
N VAL A 126 -1.35 -5.64 -30.14
CA VAL A 126 -0.51 -4.64 -29.49
C VAL A 126 0.52 -5.38 -28.63
N SER A 127 1.75 -4.87 -28.61
CA SER A 127 2.84 -5.46 -27.85
C SER A 127 3.60 -4.40 -27.09
N GLY A 128 4.14 -4.79 -25.94
CA GLY A 128 5.06 -3.97 -25.19
C GLY A 128 6.34 -4.73 -24.93
N SER A 129 7.45 -4.00 -24.85
CA SER A 129 8.77 -4.63 -24.86
C SER A 129 9.70 -3.96 -23.87
N PHE A 130 10.75 -4.70 -23.50
CA PHE A 130 11.89 -4.10 -22.80
C PHE A 130 12.53 -2.99 -23.61
N ASP A 131 12.30 -2.95 -24.93
CA ASP A 131 12.89 -1.88 -25.73
C ASP A 131 12.17 -0.54 -25.56
N GLU A 132 11.17 -0.47 -24.68
CA GLU A 132 10.51 0.75 -24.20
C GLU A 132 9.47 1.24 -25.19
N SER A 133 9.16 0.47 -26.22
CA SER A 133 8.20 0.84 -27.25
C SER A 133 6.92 0.00 -27.14
N VAL A 134 5.85 0.54 -27.69
CA VAL A 134 4.62 -0.22 -27.91
C VAL A 134 4.47 -0.38 -29.42
N ARG A 135 4.21 -1.58 -29.87
CA ARG A 135 4.01 -1.78 -31.31
C ARG A 135 2.60 -2.26 -31.60
N ILE A 136 2.08 -1.80 -32.73
CA ILE A 136 0.77 -2.20 -33.22
C ILE A 136 1.00 -2.91 -34.54
N TRP A 137 0.49 -4.15 -34.64
CA TRP A 137 0.78 -5.10 -35.70
C TRP A 137 -0.50 -5.50 -36.41
N ASP A 138 -0.40 -5.68 -37.73
CA ASP A 138 -1.50 -6.23 -38.53
C ASP A 138 -1.50 -7.76 -38.42
N VAL A 139 -2.64 -8.32 -37.96
CA VAL A 139 -2.70 -9.76 -37.73
C VAL A 139 -2.60 -10.52 -39.05
N LYS A 140 -3.24 -10.01 -40.10
CA LYS A 140 -3.32 -10.75 -41.37
C LYS A 140 -1.95 -10.86 -42.03
N THR A 141 -1.22 -9.74 -42.09
CA THR A 141 0.05 -9.70 -42.79
C THR A 141 1.27 -9.82 -41.87
N GLY A 142 1.09 -9.67 -40.57
CA GLY A 142 2.22 -9.68 -39.66
C GLY A 142 3.05 -8.42 -39.66
N LYS A 143 2.65 -7.39 -40.37
CA LYS A 143 3.46 -6.19 -40.50
C LYS A 143 3.28 -5.30 -39.28
N CYS A 144 4.37 -4.67 -38.84
CA CYS A 144 4.28 -3.68 -37.78
C CYS A 144 3.72 -2.39 -38.39
N LEU A 145 2.55 -2.00 -37.92
CA LEU A 145 1.87 -0.82 -38.44
C LEU A 145 2.35 0.45 -37.77
N LYS A 146 2.62 0.39 -36.47
CA LYS A 146 3.08 1.58 -35.75
C LYS A 146 4.01 1.19 -34.64
N THR A 147 5.02 2.04 -34.40
CA THR A 147 5.93 1.87 -33.27
C THR A 147 5.83 3.14 -32.44
N LEU A 148 5.24 3.03 -31.26
CA LEU A 148 5.01 4.16 -30.39
C LEU A 148 6.17 4.28 -29.42
N PRO A 149 6.83 5.45 -29.36
CA PRO A 149 7.91 5.69 -28.38
C PRO A 149 7.25 5.95 -27.03
N ALA A 150 6.71 4.87 -26.47
CA ALA A 150 5.65 5.00 -25.47
C ALA A 150 6.21 5.38 -24.11
N HIS A 151 7.40 4.91 -23.77
CA HIS A 151 7.88 4.99 -22.40
C HIS A 151 9.40 5.10 -22.42
N SER A 152 9.99 5.31 -21.24
CA SER A 152 11.43 5.43 -21.13
C SER A 152 12.03 4.30 -20.29
N ASP A 153 11.25 3.25 -20.07
CA ASP A 153 11.67 2.02 -19.39
C ASP A 153 10.83 0.91 -19.97
N PRO A 154 11.13 -0.36 -19.63
CA PRO A 154 10.33 -1.47 -20.15
C PRO A 154 8.83 -1.30 -19.97
N VAL A 155 8.07 -1.74 -20.98
CA VAL A 155 6.62 -1.68 -20.98
C VAL A 155 6.08 -2.98 -20.39
N SER A 156 5.36 -2.87 -19.27
CA SER A 156 4.91 -4.01 -18.49
C SER A 156 3.55 -4.55 -18.93
N ALA A 157 2.70 -3.74 -19.55
CA ALA A 157 1.37 -4.21 -19.93
C ALA A 157 0.84 -3.37 -21.09
N VAL A 158 0.00 -3.99 -21.92
CA VAL A 158 -0.71 -3.31 -23.01
C VAL A 158 -2.08 -3.95 -23.14
N HIS A 159 -3.12 -3.12 -23.31
CA HIS A 159 -4.49 -3.65 -23.34
C HIS A 159 -5.36 -2.73 -24.18
N PHE A 160 -6.19 -3.32 -25.04
CA PHE A 160 -7.23 -2.59 -25.77
C PHE A 160 -8.48 -2.41 -24.93
N ASN A 161 -9.16 -1.28 -25.15
CA ASN A 161 -10.48 -1.09 -24.56
C ASN A 161 -11.54 -1.83 -25.38
N ARG A 162 -12.80 -1.68 -24.96
CA ARG A 162 -13.86 -2.56 -25.47
C ARG A 162 -14.15 -2.36 -26.96
N ASP A 163 -13.94 -1.16 -27.51
CA ASP A 163 -14.18 -0.98 -28.93
C ASP A 163 -12.90 -0.91 -29.74
N GLY A 164 -11.75 -1.12 -29.11
CA GLY A 164 -10.48 -1.16 -29.82
C GLY A 164 -9.91 0.20 -30.14
N SER A 165 -10.62 1.28 -29.81
CA SER A 165 -10.18 2.61 -30.16
C SER A 165 -9.05 3.11 -29.26
N LEU A 166 -8.89 2.54 -28.06
CA LEU A 166 -7.86 2.96 -27.12
C LEU A 166 -6.95 1.81 -26.75
N ILE A 167 -5.69 2.16 -26.47
CA ILE A 167 -4.72 1.27 -25.83
C ILE A 167 -4.26 1.91 -24.54
N VAL A 168 -4.18 1.11 -23.47
CA VAL A 168 -3.52 1.54 -22.24
C VAL A 168 -2.20 0.79 -22.13
N SER A 169 -1.14 1.51 -21.74
CA SER A 169 0.17 0.94 -21.53
C SER A 169 0.69 1.35 -20.16
N SER A 170 1.52 0.49 -19.57
CA SER A 170 2.18 0.78 -18.30
C SER A 170 3.68 0.51 -18.44
N SER A 171 4.47 1.18 -17.59
CA SER A 171 5.91 1.03 -17.70
C SER A 171 6.59 1.23 -16.35
N TYR A 172 7.76 0.62 -16.23
CA TYR A 172 8.66 0.90 -15.11
C TYR A 172 9.04 2.37 -14.99
N ASP A 173 8.81 3.18 -16.04
CA ASP A 173 9.10 4.61 -15.89
C ASP A 173 8.09 5.33 -15.00
N GLY A 174 7.09 4.61 -14.49
CA GLY A 174 6.12 5.16 -13.57
C GLY A 174 4.89 5.71 -14.21
N LEU A 175 4.72 5.53 -15.52
CA LEU A 175 3.65 6.16 -16.27
C LEU A 175 2.62 5.12 -16.70
N CYS A 176 1.35 5.53 -16.69
CA CYS A 176 0.32 4.86 -17.46
CA CYS A 176 0.31 4.86 -17.44
C CYS A 176 -0.11 5.77 -18.58
N ARG A 177 -0.20 5.24 -19.79
CA ARG A 177 -0.58 6.09 -20.91
C ARG A 177 -1.74 5.50 -21.68
N ILE A 178 -2.63 6.39 -22.13
CA ILE A 178 -3.73 6.05 -23.01
C ILE A 178 -3.41 6.60 -24.39
N TRP A 179 -3.55 5.73 -25.40
CA TRP A 179 -3.18 5.98 -26.78
C TRP A 179 -4.40 5.80 -27.68
N ASP A 180 -4.50 6.65 -28.70
CA ASP A 180 -5.48 6.46 -29.76
C ASP A 180 -4.94 5.43 -30.75
N THR A 181 -5.66 4.31 -30.91
CA THR A 181 -5.18 3.23 -31.77
C THR A 181 -4.94 3.69 -33.20
N ALA A 182 -5.89 4.42 -33.77
CA ALA A 182 -5.82 4.77 -35.19
C ALA A 182 -4.72 5.79 -35.46
N SER A 183 -4.58 6.78 -34.59
CA SER A 183 -3.64 7.86 -34.81
C SER A 183 -2.29 7.62 -34.13
N GLY A 184 -2.25 6.79 -33.08
CA GLY A 184 -1.01 6.54 -32.37
C GLY A 184 -0.59 7.63 -31.41
N GLN A 185 -1.39 8.67 -31.25
CA GLN A 185 -0.99 9.74 -30.36
C GLN A 185 -1.40 9.43 -28.93
N CYS A 186 -0.68 10.03 -28.00
CA CYS A 186 -0.94 9.83 -26.58
C CYS A 186 -2.06 10.76 -26.15
N LEU A 187 -3.14 10.16 -25.64
CA LEU A 187 -4.31 10.91 -25.21
C LEU A 187 -4.22 11.29 -23.74
N LYS A 188 -3.53 10.48 -22.94
CA LYS A 188 -3.51 10.77 -21.51
C LYS A 188 -2.31 10.12 -20.86
N THR A 189 -1.67 10.84 -19.94
CA THR A 189 -0.60 10.31 -19.11
C THR A 189 -1.02 10.39 -17.66
N LEU A 190 -1.03 9.24 -16.98
CA LEU A 190 -1.30 9.14 -15.55
C LEU A 190 0.02 8.98 -14.80
N ILE A 191 0.26 9.92 -13.89
CA ILE A 191 1.35 9.92 -12.91
C ILE A 191 0.70 9.96 -11.53
N ASP A 192 1.35 9.32 -10.56
CA ASP A 192 0.85 9.27 -9.19
C ASP A 192 1.99 9.29 -8.20
N ASP A 193 1.78 10.06 -7.11
CA ASP A 193 2.71 10.16 -6.01
C ASP A 193 4.12 10.37 -6.54
N ASP A 194 5.05 9.51 -6.11
CA ASP A 194 6.44 9.59 -6.51
C ASP A 194 6.76 8.70 -7.71
N ASN A 195 5.76 8.37 -8.54
CA ASN A 195 5.92 7.62 -9.78
C ASN A 195 6.64 6.29 -9.57
N PRO A 196 6.13 5.39 -8.72
CA PRO A 196 6.73 4.07 -8.62
C PRO A 196 6.52 3.31 -9.92
N PRO A 197 7.36 2.33 -10.23
CA PRO A 197 7.15 1.54 -11.45
C PRO A 197 5.73 1.00 -11.53
N VAL A 198 5.14 1.09 -12.71
CA VAL A 198 3.80 0.56 -12.95
C VAL A 198 4.00 -0.79 -13.63
N SER A 199 3.65 -1.86 -12.90
CA SER A 199 3.91 -3.23 -13.30
C SER A 199 2.77 -3.89 -14.08
N PHE A 200 1.58 -3.30 -14.08
CA PHE A 200 0.45 -3.90 -14.78
C PHE A 200 -0.66 -2.87 -14.95
N VAL A 201 -1.39 -2.98 -16.07
CA VAL A 201 -2.55 -2.14 -16.29
C VAL A 201 -3.53 -2.86 -17.23
N LYS A 202 -4.81 -2.57 -17.07
CA LYS A 202 -5.82 -3.05 -18.01
C LYS A 202 -7.10 -2.25 -17.84
N PHE A 203 -7.88 -2.17 -18.91
CA PHE A 203 -9.17 -1.51 -18.85
C PHE A 203 -10.19 -2.36 -18.09
N SER A 204 -11.15 -1.69 -17.46
CA SER A 204 -12.31 -2.39 -16.92
C SER A 204 -13.16 -2.89 -18.10
N PRO A 205 -14.04 -3.88 -17.86
CA PRO A 205 -14.90 -4.37 -18.95
C PRO A 205 -15.73 -3.30 -19.64
N ASN A 206 -16.26 -2.31 -18.93
CA ASN A 206 -17.04 -1.27 -19.60
C ASN A 206 -16.16 -0.19 -20.23
N GLY A 207 -14.85 -0.28 -20.05
CA GLY A 207 -13.93 0.62 -20.70
C GLY A 207 -13.74 1.95 -20.02
N LYS A 208 -14.47 2.23 -18.92
CA LYS A 208 -14.35 3.55 -18.33
C LYS A 208 -13.22 3.66 -17.32
N TYR A 209 -12.76 2.56 -16.76
CA TYR A 209 -11.73 2.60 -15.73
C TYR A 209 -10.49 1.87 -16.20
N ILE A 210 -9.38 2.13 -15.53
CA ILE A 210 -8.20 1.29 -15.65
C ILE A 210 -7.75 0.87 -14.26
N LEU A 211 -7.31 -0.37 -14.17
CA LEU A 211 -6.72 -0.93 -12.96
C LEU A 211 -5.22 -0.99 -13.17
N ALA A 212 -4.47 -0.33 -12.29
CA ALA A 212 -3.02 -0.22 -12.45
C ALA A 212 -2.32 -0.71 -11.20
N ALA A 213 -1.33 -1.58 -11.38
CA ALA A 213 -0.50 -2.05 -10.28
C ALA A 213 0.80 -1.28 -10.24
N THR A 214 1.24 -0.92 -9.04
CA THR A 214 2.53 -0.31 -8.83
C THR A 214 3.31 -1.08 -7.77
N LEU A 215 4.64 -1.04 -7.91
CA LEU A 215 5.56 -1.89 -7.18
C LEU A 215 5.83 -1.33 -5.79
N ASP A 216 4.89 -0.52 -5.32
CA ASP A 216 4.78 -0.16 -3.91
C ASP A 216 3.60 -0.90 -3.29
N ASN A 217 3.40 -2.15 -3.72
CA ASN A 217 2.41 -3.05 -3.15
C ASN A 217 0.99 -2.50 -3.30
N THR A 218 0.70 -1.85 -4.43
CA THR A 218 -0.59 -1.17 -4.50
C THR A 218 -1.28 -1.39 -5.83
N LEU A 219 -2.57 -1.70 -5.80
CA LEU A 219 -3.42 -1.61 -6.98
C LEU A 219 -4.33 -0.39 -6.85
N LYS A 220 -4.61 0.26 -7.98
CA LYS A 220 -5.47 1.43 -7.96
C LYS A 220 -6.43 1.38 -9.14
N LEU A 221 -7.68 1.71 -8.87
CA LEU A 221 -8.69 1.88 -9.89
C LEU A 221 -8.85 3.37 -10.19
N TRP A 222 -8.69 3.70 -11.48
CA TRP A 222 -8.63 5.05 -12.01
C TRP A 222 -9.76 5.31 -13.01
N ASP A 223 -10.39 6.47 -12.88
CA ASP A 223 -11.12 7.08 -13.97
C ASP A 223 -10.10 7.85 -14.80
N TYR A 224 -9.68 7.27 -15.92
CA TYR A 224 -8.51 7.81 -16.63
C TYR A 224 -8.83 9.11 -17.36
N SER A 225 -10.06 9.30 -17.82
CA SER A 225 -10.37 10.56 -18.51
C SER A 225 -10.37 11.71 -17.53
N LYS A 226 -10.97 11.52 -16.35
CA LYS A 226 -10.95 12.52 -15.30
C LYS A 226 -9.66 12.51 -14.50
N GLY A 227 -8.82 11.48 -14.69
CA GLY A 227 -7.54 11.41 -13.98
C GLY A 227 -7.67 11.29 -12.48
N LYS A 228 -8.70 10.61 -11.99
CA LYS A 228 -9.00 10.51 -10.57
C LYS A 228 -8.88 9.07 -10.11
N CYS A 229 -8.18 8.85 -9.00
CA CYS A 229 -8.09 7.53 -8.39
C CYS A 229 -9.34 7.26 -7.56
N LEU A 230 -10.13 6.29 -8.00
CA LEU A 230 -11.40 5.98 -7.35
C LEU A 230 -11.24 4.97 -6.23
N LYS A 231 -10.33 4.01 -6.39
CA LYS A 231 -10.16 2.96 -5.39
C LYS A 231 -8.68 2.59 -5.27
N THR A 232 -8.30 2.05 -4.12
CA THR A 232 -7.03 1.36 -3.98
C THR A 232 -7.26 0.00 -3.32
N TYR A 233 -6.40 -0.95 -3.67
CA TYR A 233 -6.45 -2.30 -3.13
C TYR A 233 -5.05 -2.64 -2.63
N THR A 234 -4.95 -2.95 -1.35
CA THR A 234 -3.68 -3.15 -0.67
C THR A 234 -3.81 -4.38 0.24
N GLY A 235 -2.68 -4.76 0.83
CA GLY A 235 -2.60 -5.92 1.69
C GLY A 235 -1.78 -7.06 1.12
N HIS A 236 -1.61 -7.09 -0.20
CA HIS A 236 -0.81 -8.10 -0.87
C HIS A 236 0.64 -7.61 -0.99
N LYS A 237 1.49 -8.44 -1.59
CA LYS A 237 2.90 -8.12 -1.76
C LYS A 237 3.23 -8.07 -3.24
N ASN A 238 3.66 -6.89 -3.71
CA ASN A 238 4.01 -6.72 -5.12
C ASN A 238 5.06 -5.62 -5.20
N GLU A 239 6.33 -6.04 -5.25
CA GLU A 239 7.45 -5.12 -5.28
C GLU A 239 8.44 -5.42 -6.40
N LYS A 240 8.35 -6.58 -7.05
CA LYS A 240 9.40 -7.05 -7.93
C LYS A 240 8.90 -7.55 -9.28
N TYR A 241 7.66 -8.03 -9.35
CA TYR A 241 7.18 -8.74 -10.52
C TYR A 241 5.96 -8.06 -11.14
N CYS A 242 5.80 -8.23 -12.44
CA CYS A 242 4.65 -7.69 -13.16
C CYS A 242 3.52 -8.71 -13.07
N ILE A 243 2.68 -8.56 -12.05
CA ILE A 243 1.63 -9.52 -11.73
C ILE A 243 0.32 -9.10 -12.38
N PHE A 244 -0.32 -10.04 -13.09
CA PHE A 244 -1.62 -9.75 -13.69
C PHE A 244 -2.69 -9.55 -12.62
N ALA A 245 -3.58 -8.58 -12.85
CA ALA A 245 -4.78 -8.40 -12.06
C ALA A 245 -6.01 -8.41 -12.97
N ASN A 246 -7.18 -8.53 -12.35
CA ASN A 246 -8.42 -8.85 -13.06
C ASN A 246 -9.63 -8.22 -12.37
N PHE A 247 -10.62 -7.90 -13.20
CA PHE A 247 -11.99 -7.65 -12.77
C PHE A 247 -12.76 -8.96 -12.84
N SER A 248 -13.27 -9.44 -11.71
CA SER A 248 -14.15 -10.60 -11.70
C SER A 248 -15.59 -10.11 -11.67
N VAL A 249 -16.39 -10.53 -12.66
CA VAL A 249 -17.72 -9.97 -12.86
C VAL A 249 -18.79 -11.04 -13.12
N THR A 250 -18.42 -12.31 -13.03
CA THR A 250 -19.42 -13.35 -13.30
C THR A 250 -20.35 -13.56 -12.12
N GLY A 251 -19.91 -13.22 -10.91
CA GLY A 251 -20.72 -13.29 -9.72
C GLY A 251 -20.67 -11.95 -9.02
N GLY A 252 -20.16 -11.91 -7.79
CA GLY A 252 -19.86 -10.64 -7.17
C GLY A 252 -18.76 -9.89 -7.92
N LYS A 253 -18.71 -8.58 -7.69
CA LYS A 253 -17.76 -7.73 -8.41
C LYS A 253 -16.47 -7.64 -7.60
N TRP A 254 -15.48 -8.43 -7.99
CA TRP A 254 -14.23 -8.50 -7.25
C TRP A 254 -13.07 -7.95 -8.07
N ILE A 255 -11.98 -7.67 -7.37
CA ILE A 255 -10.66 -7.49 -7.95
C ILE A 255 -9.83 -8.71 -7.57
N VAL A 256 -9.12 -9.28 -8.54
CA VAL A 256 -8.37 -10.52 -8.34
C VAL A 256 -6.91 -10.26 -8.74
N SER A 257 -5.97 -10.62 -7.87
CA SER A 257 -4.56 -10.46 -8.22
C SER A 257 -3.71 -11.53 -7.55
N GLY A 258 -2.65 -11.96 -8.25
CA GLY A 258 -1.59 -12.72 -7.63
C GLY A 258 -0.77 -11.85 -6.67
N SER A 259 0.19 -12.49 -6.02
CA SER A 259 0.93 -11.81 -4.95
C SER A 259 2.26 -12.51 -4.74
N GLU A 260 3.23 -11.73 -4.25
CA GLU A 260 4.57 -12.26 -4.03
C GLU A 260 4.70 -13.02 -2.72
N ASP A 261 3.64 -13.10 -1.91
CA ASP A 261 3.61 -13.98 -0.74
C ASP A 261 2.91 -15.31 -1.06
N ASN A 262 2.80 -15.65 -2.34
CA ASN A 262 2.34 -16.94 -2.85
C ASN A 262 0.83 -17.13 -2.78
N LEU A 263 0.07 -16.08 -2.55
CA LEU A 263 -1.37 -16.17 -2.40
C LEU A 263 -2.07 -15.48 -3.57
N VAL A 264 -3.30 -15.90 -3.85
CA VAL A 264 -4.21 -15.10 -4.68
C VAL A 264 -5.04 -14.23 -3.75
N TYR A 265 -5.12 -12.93 -4.04
CA TYR A 265 -5.95 -12.03 -3.27
C TYR A 265 -7.20 -11.68 -4.06
N ILE A 266 -8.31 -11.58 -3.34
CA ILE A 266 -9.60 -11.16 -3.89
C ILE A 266 -10.16 -10.08 -2.98
N TRP A 267 -10.47 -8.92 -3.57
CA TRP A 267 -11.03 -7.76 -2.89
C TRP A 267 -12.44 -7.47 -3.40
N ASN A 268 -13.27 -6.94 -2.50
CA ASN A 268 -14.52 -6.30 -2.91
C ASN A 268 -14.20 -5.02 -3.65
N LEU A 269 -14.67 -4.90 -4.89
CA LEU A 269 -14.25 -3.78 -5.74
C LEU A 269 -14.68 -2.44 -5.14
N GLN A 270 -15.87 -2.40 -4.53
CA GLN A 270 -16.40 -1.14 -4.04
C GLN A 270 -15.88 -0.77 -2.65
N THR A 271 -15.75 -1.75 -1.76
CA THR A 271 -15.38 -1.46 -0.39
C THR A 271 -13.88 -1.53 -0.16
N LYS A 272 -13.14 -2.18 -1.07
CA LYS A 272 -11.69 -2.32 -1.08
C LYS A 272 -11.25 -3.36 -0.05
N GLU A 273 -12.17 -4.00 0.66
CA GLU A 273 -11.80 -4.98 1.67
C GLU A 273 -11.37 -6.27 1.00
N ILE A 274 -10.39 -6.94 1.58
CA ILE A 274 -10.06 -8.27 1.12
C ILE A 274 -11.17 -9.22 1.54
N VAL A 275 -11.65 -10.00 0.58
CA VAL A 275 -12.73 -10.94 0.83
C VAL A 275 -12.25 -12.38 0.74
N GLN A 276 -11.11 -12.64 0.10
CA GLN A 276 -10.58 -13.99 0.14
C GLN A 276 -9.10 -14.01 -0.20
N LYS A 277 -8.38 -14.95 0.41
CA LYS A 277 -6.99 -15.22 0.11
C LYS A 277 -6.87 -16.70 -0.19
N LEU A 278 -6.38 -17.04 -1.38
CA LEU A 278 -6.31 -18.41 -1.86
C LEU A 278 -4.88 -18.92 -1.67
N GLN A 279 -4.75 -19.95 -0.83
CA GLN A 279 -3.50 -20.56 -0.45
C GLN A 279 -3.27 -21.85 -1.24
N GLY A 280 -2.00 -22.14 -1.51
CA GLY A 280 -1.62 -23.39 -2.13
C GLY A 280 -0.42 -23.31 -3.05
N HIS A 281 -0.24 -22.18 -3.73
CA HIS A 281 0.98 -22.01 -4.51
C HIS A 281 2.18 -21.88 -3.58
N THR A 282 3.36 -22.18 -4.13
CA THR A 282 4.60 -22.20 -3.37
C THR A 282 5.62 -21.22 -3.95
N ASP A 283 5.19 -20.34 -4.84
CA ASP A 283 6.04 -19.29 -5.37
C ASP A 283 5.13 -18.14 -5.77
N VAL A 284 5.73 -17.03 -6.18
CA VAL A 284 5.00 -15.84 -6.61
C VAL A 284 3.87 -16.24 -7.55
N VAL A 285 2.66 -15.75 -7.30
CA VAL A 285 1.53 -16.01 -8.19
C VAL A 285 1.56 -14.92 -9.24
N ILE A 286 2.27 -15.20 -10.34
CA ILE A 286 2.56 -14.18 -11.33
C ILE A 286 1.30 -13.84 -12.11
N SER A 287 0.36 -14.79 -12.23
CA SER A 287 -0.74 -14.55 -13.15
C SER A 287 -2.04 -15.12 -12.59
N THR A 288 -3.12 -14.37 -12.76
CA THR A 288 -4.47 -14.86 -12.54
C THR A 288 -5.34 -14.48 -13.73
N ALA A 289 -6.38 -15.25 -13.96
CA ALA A 289 -7.38 -14.98 -14.99
C ALA A 289 -8.75 -15.40 -14.49
N CYS A 290 -9.77 -14.74 -15.00
CA CYS A 290 -11.15 -14.97 -14.58
C CYS A 290 -11.94 -15.54 -15.75
N HIS A 291 -12.66 -16.62 -15.50
CA HIS A 291 -13.43 -17.30 -16.54
C HIS A 291 -14.52 -16.36 -17.09
N PRO A 292 -14.79 -16.40 -18.40
CA PRO A 292 -15.73 -15.43 -18.98
C PRO A 292 -17.17 -15.62 -18.53
N THR A 293 -17.58 -16.80 -18.07
CA THR A 293 -18.98 -17.00 -17.70
C THR A 293 -19.18 -17.68 -16.34
N GLU A 294 -18.24 -18.49 -15.88
CA GLU A 294 -18.37 -19.16 -14.59
C GLU A 294 -17.46 -18.50 -13.57
N ASN A 295 -17.78 -18.72 -12.29
CA ASN A 295 -16.98 -18.17 -11.19
C ASN A 295 -15.76 -19.08 -10.98
N ILE A 296 -14.85 -18.99 -11.94
CA ILE A 296 -13.64 -19.81 -11.98
C ILE A 296 -12.45 -18.89 -12.14
N ILE A 297 -11.44 -19.07 -11.28
CA ILE A 297 -10.16 -18.38 -11.39
C ILE A 297 -9.07 -19.38 -11.78
N ALA A 298 -8.22 -18.97 -12.72
CA ALA A 298 -6.97 -19.66 -12.97
C ALA A 298 -5.83 -18.85 -12.38
N SER A 299 -4.90 -19.53 -11.72
CA SER A 299 -3.74 -18.88 -11.12
C SER A 299 -2.48 -19.66 -11.50
N ALA A 300 -1.38 -18.95 -11.67
CA ALA A 300 -0.13 -19.59 -12.06
C ALA A 300 1.04 -18.90 -11.38
N ALA A 301 2.09 -19.69 -11.15
CA ALA A 301 3.20 -19.30 -10.28
C ALA A 301 4.56 -19.61 -10.90
N LEU A 302 5.58 -19.03 -10.28
CA LEU A 302 6.96 -18.97 -10.78
C LEU A 302 7.77 -20.24 -10.52
N GLU A 303 9.11 -20.12 -10.58
CA GLU A 303 10.00 -21.27 -10.76
C GLU A 303 9.88 -22.33 -9.66
N ASN A 304 9.63 -21.93 -8.41
CA ASN A 304 9.58 -22.91 -7.33
C ASN A 304 8.24 -23.61 -7.25
N ASP A 305 7.34 -23.32 -8.19
CA ASP A 305 6.02 -23.90 -8.22
C ASP A 305 5.73 -24.59 -9.55
N LYS A 306 5.73 -23.82 -10.65
CA LYS A 306 5.56 -24.28 -12.03
C LYS A 306 4.16 -24.82 -12.35
N THR A 307 3.17 -24.61 -11.49
CA THR A 307 1.84 -25.16 -11.75
C THR A 307 0.80 -24.07 -11.98
N ILE A 308 -0.31 -24.49 -12.58
CA ILE A 308 -1.52 -23.71 -12.71
C ILE A 308 -2.57 -24.35 -11.80
N LYS A 309 -3.32 -23.52 -11.08
CA LYS A 309 -4.43 -24.01 -10.27
C LYS A 309 -5.73 -23.39 -10.75
N LEU A 310 -6.78 -24.21 -10.76
CA LEU A 310 -8.13 -23.79 -11.08
C LEU A 310 -8.99 -23.80 -9.83
N TRP A 311 -9.68 -22.69 -9.59
CA TRP A 311 -10.48 -22.46 -8.39
C TRP A 311 -11.91 -22.14 -8.82
N LYS A 312 -12.87 -22.57 -8.00
CA LYS A 312 -14.28 -22.41 -8.36
C LYS A 312 -15.06 -21.92 -7.15
N SER A 313 -15.97 -20.98 -7.40
CA SER A 313 -16.74 -20.35 -6.33
C SER A 313 -18.22 -20.38 -6.66
N ASP A 314 -19.04 -20.26 -5.61
CA ASP A 314 -20.48 -20.20 -5.78
C ASP A 314 -20.97 -18.80 -6.13
N CYS A 315 -20.13 -17.79 -5.89
CA CYS A 315 -20.45 -16.41 -6.21
C CYS A 315 -19.18 -15.60 -6.49
N GLY B 1 15.02 -18.56 -19.38
CA GLY B 1 13.69 -18.23 -18.90
C GLY B 1 12.98 -17.13 -19.66
N SER B 2 12.20 -16.32 -18.94
CA SER B 2 11.41 -15.27 -19.54
C SER B 2 11.45 -14.04 -18.63
N ALA B 3 11.37 -12.86 -19.25
CA ALA B 3 11.53 -11.62 -18.49
C ALA B 3 10.49 -11.48 -17.39
N ARG B 4 9.25 -11.93 -17.64
CA ARG B 4 8.23 -11.77 -16.60
C ARG B 4 8.56 -12.58 -15.35
N ALA B 5 9.26 -13.69 -15.50
CA ALA B 5 9.57 -14.55 -14.37
C ALA B 5 10.83 -14.13 -13.65
N ARG B 6 11.42 -12.99 -13.99
CA ARG B 6 12.63 -12.50 -13.31
C ARG B 6 12.34 -11.20 -12.56
N PRO B 7 12.96 -11.01 -11.39
CA PRO B 7 12.70 -9.79 -10.61
C PRO B 7 13.30 -8.55 -11.26
N GLY B 8 12.68 -7.41 -10.97
CA GLY B 8 13.09 -6.14 -11.53
C GLY B 8 12.15 -5.02 -11.15
N VAL C 12 24.15 2.39 4.85
CA VAL C 12 24.20 1.81 6.18
C VAL C 12 22.80 1.33 6.59
N LYS C 13 22.72 0.34 7.49
CA LYS C 13 21.47 -0.25 7.96
C LYS C 13 21.57 -0.53 9.45
N PRO C 14 20.46 -0.45 10.18
CA PRO C 14 20.50 -0.63 11.64
C PRO C 14 20.50 -2.09 12.07
N ASN C 15 20.88 -2.30 13.33
CA ASN C 15 20.85 -3.61 13.98
C ASN C 15 20.17 -3.51 15.35
N TYR C 16 18.98 -2.90 15.38
CA TYR C 16 18.21 -2.79 16.61
C TYR C 16 18.00 -4.16 17.23
N ALA C 17 18.36 -4.29 18.50
CA ALA C 17 18.18 -5.51 19.26
C ALA C 17 17.43 -5.19 20.55
N LEU C 18 16.65 -6.16 21.02
CA LEU C 18 15.86 -5.98 22.23
C LEU C 18 16.78 -5.84 23.43
N LYS C 19 16.58 -4.78 24.20
CA LYS C 19 17.31 -4.54 25.44
C LYS C 19 16.47 -4.78 26.69
N PHE C 20 15.22 -4.31 26.68
CA PHE C 20 14.36 -4.39 27.85
C PHE C 20 12.91 -4.58 27.42
N THR C 21 12.14 -5.33 28.23
CA THR C 21 10.69 -5.37 28.13
C THR C 21 10.09 -4.81 29.41
N LEU C 22 9.21 -3.81 29.26
CA LEU C 22 8.65 -3.05 30.37
C LEU C 22 7.21 -3.47 30.61
N ALA C 23 6.97 -4.14 31.73
CA ALA C 23 5.64 -4.61 32.12
C ALA C 23 5.07 -3.76 33.25
N GLY C 24 3.74 -3.73 33.33
CA GLY C 24 3.06 -3.00 34.38
C GLY C 24 1.70 -2.45 34.01
N HIS C 25 1.51 -2.07 32.75
CA HIS C 25 0.18 -1.64 32.35
C HIS C 25 -0.75 -2.84 32.33
N THR C 26 -2.01 -2.63 32.70
CA THR C 26 -2.96 -3.73 32.84
C THR C 26 -3.96 -3.77 31.70
N LYS C 27 -3.87 -2.84 30.77
CA LYS C 27 -4.61 -2.86 29.52
C LYS C 27 -3.65 -2.40 28.43
N ALA C 28 -4.13 -2.41 27.18
CA ALA C 28 -3.39 -1.92 26.03
C ALA C 28 -2.63 -0.63 26.33
N VAL C 29 -1.38 -0.58 25.90
CA VAL C 29 -0.65 0.69 25.85
C VAL C 29 -1.13 1.43 24.62
N SER C 30 -1.27 2.75 24.74
CA SER C 30 -1.74 3.57 23.63
C SER C 30 -0.65 4.43 23.01
N SER C 31 0.31 4.91 23.81
CA SER C 31 1.31 5.87 23.34
C SER C 31 2.54 5.78 24.22
N VAL C 32 3.72 5.83 23.60
CA VAL C 32 4.98 6.03 24.33
C VAL C 32 5.71 7.20 23.71
N LYS C 33 6.36 8.00 24.56
CA LYS C 33 7.13 9.16 24.14
C LYS C 33 8.38 9.27 25.01
N PHE C 34 9.52 9.55 24.38
CA PHE C 34 10.74 9.87 25.13
C PHE C 34 10.73 11.33 25.55
N SER C 35 11.20 11.59 26.77
CA SER C 35 11.40 12.97 27.19
C SER C 35 12.46 13.63 26.30
N PRO C 36 12.31 14.92 25.98
CA PRO C 36 13.32 15.62 25.19
C PRO C 36 14.74 15.54 25.76
N ASN C 37 14.91 15.42 27.08
CA ASN C 37 16.25 15.34 27.65
C ASN C 37 16.80 13.93 27.61
N GLY C 38 16.00 12.97 27.12
CA GLY C 38 16.43 11.62 26.85
C GLY C 38 16.38 10.70 28.05
N GLU C 39 16.04 11.23 29.22
CA GLU C 39 16.14 10.46 30.45
C GLU C 39 14.97 9.49 30.62
N TRP C 40 13.80 9.85 30.10
CA TRP C 40 12.56 9.24 30.50
C TRP C 40 11.80 8.71 29.29
N LEU C 41 11.06 7.63 29.51
CA LEU C 41 9.99 7.20 28.62
C LEU C 41 8.66 7.35 29.36
N ALA C 42 7.72 8.05 28.76
CA ALA C 42 6.35 8.13 29.26
C ALA C 42 5.47 7.20 28.44
N SER C 43 4.64 6.41 29.11
CA SER C 43 3.64 5.58 28.45
C SER C 43 2.25 5.95 28.95
N SER C 44 1.29 6.00 28.03
CA SER C 44 -0.11 6.13 28.39
C SER C 44 -0.84 4.84 28.00
N SER C 45 -1.96 4.58 28.68
CA SER C 45 -2.62 3.30 28.47
C SER C 45 -4.12 3.41 28.60
N ALA C 46 -4.81 2.46 27.98
CA ALA C 46 -6.25 2.30 28.17
C ALA C 46 -6.61 2.00 29.62
N ASP C 47 -5.63 1.60 30.44
CA ASP C 47 -5.85 1.34 31.86
C ASP C 47 -5.94 2.62 32.68
N LYS C 48 -5.99 3.79 32.04
CA LYS C 48 -6.18 5.12 32.62
C LYS C 48 -4.91 5.67 33.23
N LEU C 49 -3.77 4.99 33.12
CA LEU C 49 -2.55 5.38 33.83
C LEU C 49 -1.49 5.91 32.88
N ILE C 50 -0.65 6.79 33.40
CA ILE C 50 0.62 7.16 32.78
C ILE C 50 1.75 6.54 33.61
N LYS C 51 2.73 5.97 32.95
CA LYS C 51 3.89 5.47 33.68
C LYS C 51 5.18 6.06 33.11
N ILE C 52 6.11 6.38 34.01
CA ILE C 52 7.41 6.96 33.68
C ILE C 52 8.46 5.90 33.95
N TRP C 53 9.33 5.66 32.96
CA TRP C 53 10.37 4.65 32.99
C TRP C 53 11.72 5.27 32.63
N GLY C 54 12.78 4.67 33.15
CA GLY C 54 14.13 5.03 32.72
C GLY C 54 14.37 4.62 31.28
N ALA C 55 14.79 5.56 30.44
CA ALA C 55 14.95 5.30 29.01
C ALA C 55 16.09 4.34 28.70
N TYR C 56 17.09 4.25 29.56
CA TYR C 56 18.29 3.45 29.24
C TYR C 56 18.34 2.13 29.97
N ASP C 57 17.73 2.02 31.14
CA ASP C 57 17.71 0.75 31.86
C ASP C 57 16.30 0.20 32.00
N GLY C 58 15.29 0.88 31.46
CA GLY C 58 13.93 0.41 31.56
C GLY C 58 13.35 0.47 32.95
N LYS C 59 14.01 1.15 33.89
CA LYS C 59 13.63 1.07 35.28
C LYS C 59 12.35 1.84 35.55
N PHE C 60 11.37 1.16 36.11
CA PHE C 60 10.12 1.81 36.52
C PHE C 60 10.42 2.96 37.46
N GLU C 61 9.88 4.13 37.13
CA GLU C 61 10.01 5.33 37.95
C GLU C 61 8.73 5.63 38.71
N LYS C 62 7.60 5.79 38.01
CA LYS C 62 6.40 6.11 38.76
C LYS C 62 5.15 5.92 37.92
N THR C 63 4.02 5.90 38.62
CA THR C 63 2.68 5.89 38.02
C THR C 63 1.99 7.21 38.33
N ILE C 64 1.38 7.80 37.31
CA ILE C 64 0.62 9.05 37.40
C ILE C 64 -0.83 8.75 37.04
N SER C 65 -1.76 9.16 37.91
CA SER C 65 -3.15 8.75 37.81
C SER C 65 -4.08 9.94 37.99
N GLY C 66 -5.32 9.78 37.51
CA GLY C 66 -6.33 10.80 37.67
C GLY C 66 -7.40 10.84 36.60
N HIS C 67 -7.08 10.45 35.37
CA HIS C 67 -8.13 10.33 34.35
C HIS C 67 -9.15 9.28 34.77
N LYS C 68 -10.41 9.54 34.44
CA LYS C 68 -11.50 8.63 34.79
C LYS C 68 -11.73 7.54 33.75
N LEU C 69 -11.18 7.69 32.56
CA LEU C 69 -11.30 6.70 31.50
C LEU C 69 -9.93 6.57 30.83
N GLY C 70 -9.82 5.62 29.92
CA GLY C 70 -8.54 5.33 29.30
C GLY C 70 -7.96 6.52 28.55
N ILE C 71 -6.66 6.44 28.31
CA ILE C 71 -5.88 7.49 27.67
C ILE C 71 -5.42 7.02 26.30
N SER C 72 -5.49 7.92 25.31
CA SER C 72 -5.08 7.61 23.93
C SER C 72 -3.76 8.25 23.52
N ASP C 73 -3.31 9.30 24.22
CA ASP C 73 -2.08 9.99 23.84
C ASP C 73 -1.50 10.70 25.05
N VAL C 74 -0.19 10.95 24.98
CA VAL C 74 0.54 11.68 26.00
C VAL C 74 1.71 12.38 25.32
N ALA C 75 2.10 13.54 25.85
CA ALA C 75 3.19 14.29 25.25
C ALA C 75 3.97 15.05 26.32
N TRP C 76 5.25 15.28 26.04
CA TRP C 76 6.16 15.97 26.94
C TRP C 76 6.27 17.44 26.55
N SER C 77 6.44 18.30 27.56
CA SER C 77 6.80 19.68 27.27
C SER C 77 8.28 19.76 26.91
N SER C 78 8.67 20.89 26.32
CA SER C 78 10.03 20.98 25.78
CA SER C 78 10.03 21.04 25.80
C SER C 78 11.09 20.86 26.88
N ASP C 79 10.77 21.24 28.11
CA ASP C 79 11.76 21.19 29.19
C ASP C 79 11.75 19.88 29.95
N SER C 80 10.98 18.89 29.49
CA SER C 80 10.87 17.55 30.09
C SER C 80 10.20 17.58 31.47
N ASN C 81 9.56 18.69 31.84
CA ASN C 81 8.99 18.84 33.17
C ASN C 81 7.49 18.55 33.23
N LEU C 82 6.77 18.72 32.13
CA LEU C 82 5.33 18.55 32.12
C LEU C 82 4.93 17.45 31.15
N LEU C 83 3.76 16.86 31.41
CA LEU C 83 3.08 16.00 30.46
C LEU C 83 1.68 16.54 30.19
N VAL C 84 1.13 16.19 29.04
CA VAL C 84 -0.30 16.34 28.78
C VAL C 84 -0.83 15.01 28.26
N SER C 85 -2.02 14.64 28.70
CA SER C 85 -2.65 13.40 28.25
C SER C 85 -4.04 13.70 27.70
N ALA C 86 -4.46 12.88 26.74
CA ALA C 86 -5.75 13.00 26.09
C ALA C 86 -6.57 11.74 26.38
N SER C 87 -7.79 11.91 26.91
CA SER C 87 -8.50 10.77 27.49
C SER C 87 -9.90 10.59 26.90
N ASP C 88 -10.39 9.35 26.98
CA ASP C 88 -11.79 9.08 26.68
C ASP C 88 -12.76 9.82 27.59
N ASP C 89 -12.28 10.31 28.72
CA ASP C 89 -13.15 11.09 29.60
C ASP C 89 -13.42 12.53 29.09
N LYS C 90 -13.01 12.84 27.84
CA LYS C 90 -13.30 14.08 27.14
C LYS C 90 -12.42 15.23 27.63
N THR C 91 -11.43 14.94 28.47
CA THR C 91 -10.52 15.97 28.95
C THR C 91 -9.09 15.66 28.54
N LEU C 92 -8.28 16.71 28.56
CA LEU C 92 -6.84 16.58 28.66
C LEU C 92 -6.42 16.91 30.09
N LYS C 93 -5.33 16.33 30.54
CA LYS C 93 -4.74 16.74 31.81
C LYS C 93 -3.27 17.11 31.65
N ILE C 94 -2.87 18.19 32.34
CA ILE C 94 -1.47 18.60 32.43
C ILE C 94 -0.90 18.14 33.77
N TRP C 95 0.28 17.53 33.72
CA TRP C 95 0.89 16.85 34.85
C TRP C 95 2.27 17.40 35.14
N ASP C 96 2.54 17.64 36.41
CA ASP C 96 3.90 17.87 36.93
C ASP C 96 4.60 16.53 37.06
N VAL C 97 5.63 16.29 36.24
CA VAL C 97 6.24 14.97 36.21
C VAL C 97 6.91 14.64 37.54
N SER C 98 7.60 15.61 38.14
CA SER C 98 8.33 15.34 39.39
C SER C 98 7.38 14.97 40.52
N SER C 99 6.31 15.74 40.69
CA SER C 99 5.36 15.49 41.76
C SER C 99 4.27 14.49 41.40
N GLY C 100 3.94 14.38 40.12
CA GLY C 100 2.83 13.54 39.71
C GLY C 100 1.47 14.23 39.75
N LYS C 101 1.43 15.49 40.17
CA LYS C 101 0.16 16.20 40.33
C LYS C 101 -0.46 16.53 38.98
N CYS C 102 -1.78 16.44 38.92
CA CYS C 102 -2.52 17.06 37.83
C CYS C 102 -2.60 18.54 38.11
N LEU C 103 -2.01 19.34 37.22
CA LEU C 103 -1.94 20.78 37.39
C LEU C 103 -3.18 21.47 36.84
N LYS C 104 -3.69 20.96 35.72
CA LYS C 104 -4.82 21.54 35.04
C LYS C 104 -5.60 20.41 34.39
N THR C 105 -6.92 20.58 34.32
CA THR C 105 -7.79 19.69 33.58
C THR C 105 -8.45 20.52 32.48
N LEU C 106 -8.18 20.15 31.24
CA LEU C 106 -8.62 20.89 30.06
C LEU C 106 -9.95 20.32 29.59
N LYS C 107 -11.01 21.11 29.72
CA LYS C 107 -12.38 20.72 29.48
C LYS C 107 -12.93 21.49 28.30
N GLY C 108 -13.74 20.83 27.48
CA GLY C 108 -14.36 21.47 26.34
C GLY C 108 -14.63 20.55 25.17
N HIS C 109 -13.83 19.52 24.98
CA HIS C 109 -14.18 18.53 23.97
C HIS C 109 -15.47 17.81 24.39
N SER C 110 -16.27 17.44 23.38
CA SER C 110 -17.55 16.80 23.61
C SER C 110 -17.53 15.32 23.29
N ASN C 111 -16.36 14.75 23.02
CA ASN C 111 -16.19 13.32 22.78
C ASN C 111 -14.74 12.99 23.13
N TYR C 112 -14.35 11.73 22.90
CA TYR C 112 -13.00 11.29 23.26
C TYR C 112 -11.96 12.25 22.72
N VAL C 113 -10.99 12.60 23.57
CA VAL C 113 -9.79 13.28 23.09
C VAL C 113 -8.78 12.21 22.71
N PHE C 114 -8.25 12.31 21.50
CA PHE C 114 -7.50 11.24 20.87
C PHE C 114 -6.01 11.49 20.81
N CYS C 115 -5.61 12.75 20.62
CA CYS C 115 -4.24 13.11 20.29
C CYS C 115 -3.91 14.49 20.87
N CYS C 116 -2.64 14.70 21.21
CA CYS C 116 -2.22 15.94 21.83
C CYS C 116 -0.73 16.18 21.62
N ASN C 117 -0.34 17.45 21.70
CA ASN C 117 1.07 17.85 21.64
C ASN C 117 1.23 19.27 22.16
N PHE C 118 2.41 19.52 22.74
CA PHE C 118 2.84 20.86 23.10
C PHE C 118 3.48 21.53 21.89
N ASN C 119 3.42 22.86 21.85
CA ASN C 119 4.24 23.57 20.87
C ASN C 119 5.67 23.68 21.38
N PRO C 120 6.63 24.02 20.51
CA PRO C 120 8.03 24.12 20.95
C PRO C 120 8.21 25.06 22.14
N GLN C 121 7.46 26.16 22.15
CA GLN C 121 7.47 27.07 23.30
C GLN C 121 6.95 26.35 24.55
N SER C 122 6.05 25.39 24.37
CA SER C 122 5.38 24.65 25.44
C SER C 122 4.48 25.56 26.27
N ASN C 123 4.02 26.67 25.67
CA ASN C 123 2.97 27.47 26.28
C ASN C 123 1.60 27.13 25.72
N LEU C 124 1.54 26.40 24.60
CA LEU C 124 0.29 26.00 23.99
C LEU C 124 0.21 24.48 23.95
N ILE C 125 -1.01 23.98 23.97
CA ILE C 125 -1.31 22.58 23.71
C ILE C 125 -2.32 22.51 22.56
N VAL C 126 -2.12 21.56 21.66
CA VAL C 126 -3.07 21.26 20.60
C VAL C 126 -3.65 19.88 20.85
N SER C 127 -4.96 19.73 20.60
CA SER C 127 -5.67 18.48 20.81
C SER C 127 -6.60 18.19 19.63
N GLY C 128 -6.79 16.90 19.37
CA GLY C 128 -7.79 16.45 18.40
C GLY C 128 -8.73 15.45 19.05
N SER C 129 -9.98 15.42 18.58
CA SER C 129 -11.03 14.70 19.27
C SER C 129 -11.91 13.95 18.29
N PHE C 130 -12.59 12.92 18.82
CA PHE C 130 -13.72 12.31 18.11
C PHE C 130 -14.81 13.32 17.79
N ASP C 131 -14.84 14.46 18.48
CA ASP C 131 -15.86 15.47 18.19
C ASP C 131 -15.55 16.25 16.91
N GLU C 132 -14.48 15.90 16.20
CA GLU C 132 -14.13 16.35 14.84
C GLU C 132 -13.48 17.72 14.87
N SER C 133 -13.15 18.21 16.07
CA SER C 133 -12.54 19.51 16.25
C SER C 133 -11.09 19.38 16.69
N VAL C 134 -10.33 20.43 16.42
CA VAL C 134 -8.99 20.63 16.96
C VAL C 134 -9.08 21.79 17.95
N ARG C 135 -8.55 21.61 19.14
CA ARG C 135 -8.59 22.69 20.12
C ARG C 135 -7.19 23.13 20.48
N ILE C 136 -7.05 24.43 20.72
CA ILE C 136 -5.78 25.05 21.13
C ILE C 136 -5.98 25.65 22.51
N TRP C 137 -5.11 25.25 23.45
CA TRP C 137 -5.24 25.53 24.87
C TRP C 137 -4.03 26.30 25.41
N ASP C 138 -4.29 27.22 26.32
CA ASP C 138 -3.23 27.90 27.05
C ASP C 138 -2.73 27.04 28.21
N VAL C 139 -1.43 26.75 28.21
CA VAL C 139 -0.88 25.88 29.25
C VAL C 139 -0.96 26.55 30.62
N LYS C 140 -0.79 27.87 30.67
CA LYS C 140 -0.73 28.58 31.94
C LYS C 140 -2.06 28.53 32.67
N THR C 141 -3.15 28.87 31.97
CA THR C 141 -4.47 29.01 32.56
C THR C 141 -5.35 27.79 32.35
N GLY C 142 -4.96 26.87 31.49
CA GLY C 142 -5.80 25.73 31.19
C GLY C 142 -7.00 26.05 30.33
N LYS C 143 -7.13 27.28 29.86
CA LYS C 143 -8.28 27.72 29.08
C LYS C 143 -8.12 27.36 27.61
N CYS C 144 -9.24 27.05 26.97
CA CYS C 144 -9.28 26.87 25.53
C CYS C 144 -9.26 28.22 24.83
N LEU C 145 -8.22 28.46 24.04
CA LEU C 145 -8.10 29.70 23.27
C LEU C 145 -8.81 29.60 21.94
N LYS C 146 -8.79 28.41 21.31
CA LYS C 146 -9.41 28.27 19.99
C LYS C 146 -10.02 26.90 19.83
N THR C 147 -11.12 26.87 19.09
CA THR C 147 -11.80 25.64 18.69
C THR C 147 -11.91 25.68 17.16
N LEU C 148 -11.14 24.83 16.48
CA LEU C 148 -11.12 24.75 15.04
C LEU C 148 -12.06 23.65 14.60
N PRO C 149 -13.05 23.93 13.76
CA PRO C 149 -13.90 22.88 13.17
C PRO C 149 -13.12 22.21 12.05
N ALA C 150 -12.15 21.39 12.46
CA ALA C 150 -11.05 21.02 11.58
C ALA C 150 -11.45 19.99 10.55
N HIS C 151 -12.37 19.10 10.88
CA HIS C 151 -12.57 17.90 10.07
C HIS C 151 -14.04 17.49 10.15
N SER C 152 -14.40 16.44 9.41
CA SER C 152 -15.77 15.94 9.38
C SER C 152 -15.86 14.51 9.93
N ASP C 153 -14.79 14.04 10.57
CA ASP C 153 -14.73 12.76 11.25
C ASP C 153 -13.69 12.90 12.35
N PRO C 154 -13.53 11.89 13.20
CA PRO C 154 -12.53 11.97 14.27
C PRO C 154 -11.16 12.43 13.79
N VAL C 155 -10.52 13.26 14.61
CA VAL C 155 -9.18 13.78 14.34
C VAL C 155 -8.16 12.82 14.95
N SER C 156 -7.31 12.25 14.09
CA SER C 156 -6.40 11.18 14.50
C SER C 156 -5.06 11.68 15.02
N ALA C 157 -4.63 12.88 14.59
CA ALA C 157 -3.33 13.37 15.03
C ALA C 157 -3.29 14.88 14.92
N VAL C 158 -2.48 15.50 15.79
CA VAL C 158 -2.21 16.94 15.76
C VAL C 158 -0.76 17.16 16.14
N HIS C 159 -0.09 18.04 15.42
CA HIS C 159 1.34 18.23 15.65
C HIS C 159 1.73 19.66 15.27
N PHE C 160 2.55 20.28 16.12
CA PHE C 160 3.13 21.58 15.83
C PHE C 160 4.39 21.43 14.98
N ASN C 161 4.63 22.40 14.11
CA ASN C 161 5.86 22.43 13.34
C ASN C 161 7.00 22.99 14.22
N ARG C 162 8.15 23.20 13.58
CA ARG C 162 9.38 23.42 14.32
C ARG C 162 9.39 24.74 15.07
N ASP C 163 8.73 25.79 14.55
CA ASP C 163 8.71 27.09 15.22
C ASP C 163 7.35 27.39 15.85
N GLY C 164 6.42 26.44 15.83
CA GLY C 164 5.14 26.59 16.46
C GLY C 164 4.13 27.36 15.66
N SER C 165 4.51 27.88 14.50
CA SER C 165 3.61 28.72 13.71
C SER C 165 2.54 27.91 12.99
N LEU C 166 2.77 26.62 12.77
CA LEU C 166 1.81 25.78 12.06
C LEU C 166 1.38 24.60 12.89
N ILE C 167 0.14 24.15 12.65
CA ILE C 167 -0.37 22.88 13.15
C ILE C 167 -0.76 22.03 11.96
N VAL C 168 -0.40 20.74 11.98
CA VAL C 168 -0.93 19.77 11.04
C VAL C 168 -1.91 18.86 11.77
N SER C 169 -3.06 18.59 11.14
CA SER C 169 -4.06 17.68 11.66
C SER C 169 -4.43 16.66 10.60
N SER C 170 -4.82 15.47 11.06
CA SER C 170 -5.28 14.41 10.18
C SER C 170 -6.62 13.88 10.70
N SER C 171 -7.40 13.28 9.79
CA SER C 171 -8.72 12.80 10.17
C SER C 171 -9.13 11.58 9.36
N TYR C 172 -10.03 10.78 9.96
CA TYR C 172 -10.74 9.74 9.22
C TYR C 172 -11.52 10.28 8.02
N ASP C 173 -11.74 11.58 7.94
CA ASP C 173 -12.39 12.12 6.75
C ASP C 173 -11.50 12.06 5.52
N GLY C 174 -10.27 11.60 5.67
CA GLY C 174 -9.36 11.45 4.56
C GLY C 174 -8.51 12.66 4.29
N LEU C 175 -8.56 13.67 5.15
CA LEU C 175 -7.91 14.95 4.89
C LEU C 175 -6.73 15.15 5.80
N CYS C 176 -5.71 15.84 5.28
CA CYS C 176 -4.68 16.47 6.11
CA CYS C 176 -4.69 16.45 6.10
C CYS C 176 -4.81 17.98 5.97
N ARG C 177 -4.75 18.67 7.09
CA ARG C 177 -4.91 20.12 7.00
C ARG C 177 -3.78 20.82 7.75
N ILE C 178 -3.30 21.91 7.16
CA ILE C 178 -2.31 22.79 7.76
C ILE C 178 -3.01 24.07 8.16
N TRP C 179 -2.81 24.46 9.43
CA TRP C 179 -3.44 25.60 10.08
C TRP C 179 -2.39 26.57 10.58
N ASP C 180 -2.74 27.85 10.51
CA ASP C 180 -1.97 28.92 11.12
C ASP C 180 -2.27 28.95 12.61
N THR C 181 -1.24 28.73 13.44
CA THR C 181 -1.46 28.69 14.89
C THR C 181 -2.06 29.98 15.40
N ALA C 182 -1.55 31.12 14.92
CA ALA C 182 -1.95 32.40 15.51
C ALA C 182 -3.40 32.74 15.19
N SER C 183 -3.85 32.51 13.95
CA SER C 183 -5.19 32.90 13.54
C SER C 183 -6.18 31.76 13.54
N GLY C 184 -5.72 30.51 13.45
CA GLY C 184 -6.61 29.37 13.36
C GLY C 184 -7.19 29.12 11.99
N GLN C 185 -6.78 29.88 10.98
CA GLN C 185 -7.30 29.68 9.64
C GLN C 185 -6.52 28.57 8.93
N CYS C 186 -7.20 27.93 7.98
CA CYS C 186 -6.63 26.78 7.28
C CYS C 186 -5.77 27.26 6.11
N LEU C 187 -4.51 26.84 6.12
CA LEU C 187 -3.57 27.22 5.08
C LEU C 187 -3.56 26.23 3.93
N LYS C 188 -3.83 24.96 4.22
CA LYS C 188 -3.74 23.98 3.14
C LYS C 188 -4.55 22.74 3.48
N THR C 189 -5.22 22.18 2.46
CA THR C 189 -5.89 20.89 2.59
C THR C 189 -5.24 19.91 1.63
N LEU C 190 -4.76 18.79 2.16
CA LEU C 190 -4.18 17.71 1.37
C LEU C 190 -5.21 16.62 1.13
N ILE C 191 -5.41 16.35 -0.18
CA ILE C 191 -6.22 15.29 -0.78
C ILE C 191 -5.26 14.27 -1.34
N ASP C 192 -5.64 13.00 -1.23
CA ASP C 192 -4.76 11.91 -1.63
C ASP C 192 -5.62 10.80 -2.21
N ASP C 193 -5.48 10.54 -3.51
CA ASP C 193 -6.19 9.48 -4.20
C ASP C 193 -7.67 9.46 -3.85
N ASP C 194 -8.18 8.35 -3.33
CA ASP C 194 -9.58 8.22 -3.00
C ASP C 194 -9.86 8.60 -1.55
N ASN C 195 -8.98 9.39 -0.94
CA ASN C 195 -9.12 9.92 0.41
C ASN C 195 -9.37 8.84 1.44
N PRO C 196 -8.47 7.85 1.57
CA PRO C 196 -8.61 6.87 2.65
C PRO C 196 -8.44 7.57 3.99
N PRO C 197 -8.97 7.01 5.08
CA PRO C 197 -8.80 7.63 6.40
C PRO C 197 -7.33 7.88 6.70
N VAL C 198 -7.03 9.07 7.22
CA VAL C 198 -5.67 9.45 7.57
C VAL C 198 -5.55 9.22 9.07
N SER C 199 -4.76 8.20 9.43
CA SER C 199 -4.64 7.72 10.80
C SER C 199 -3.54 8.39 11.59
N PHE C 200 -2.64 9.12 10.94
CA PHE C 200 -1.55 9.76 11.65
C PHE C 200 -0.88 10.76 10.74
N VAL C 201 -0.37 11.85 11.32
CA VAL C 201 0.43 12.81 10.57
C VAL C 201 1.37 13.52 11.55
N LYS C 202 2.53 13.96 11.05
CA LYS C 202 3.41 14.83 11.81
C LYS C 202 4.43 15.47 10.86
N PHE C 203 4.94 16.63 11.28
CA PHE C 203 5.98 17.32 10.53
C PHE C 203 7.32 16.58 10.64
N SER C 204 8.14 16.73 9.60
CA SER C 204 9.53 16.30 9.67
C SER C 204 10.30 17.21 10.64
N PRO C 205 11.44 16.73 11.17
CA PRO C 205 12.24 17.60 12.06
C PRO C 205 12.60 18.94 11.43
N ASN C 206 12.87 18.96 10.13
CA ASN C 206 13.20 20.21 9.45
C ASN C 206 11.97 21.03 9.03
N GLY C 207 10.76 20.53 9.26
CA GLY C 207 9.57 21.34 9.05
C GLY C 207 9.09 21.47 7.63
N LYS C 208 9.79 20.87 6.67
CA LYS C 208 9.46 21.06 5.26
C LYS C 208 8.43 20.05 4.78
N TYR C 209 8.38 18.89 5.42
CA TYR C 209 7.53 17.78 5.00
C TYR C 209 6.56 17.40 6.10
N ILE C 210 5.56 16.62 5.71
CA ILE C 210 4.72 15.90 6.67
C ILE C 210 4.71 14.42 6.31
N LEU C 211 4.75 13.57 7.33
CA LEU C 211 4.61 12.14 7.18
C LEU C 211 3.19 11.74 7.56
N ALA C 212 2.46 11.12 6.64
CA ALA C 212 1.06 10.82 6.85
C ALA C 212 0.80 9.34 6.66
N ALA C 213 0.12 8.73 7.62
CA ALA C 213 -0.31 7.33 7.52
C ALA C 213 -1.77 7.27 7.08
N THR C 214 -2.06 6.35 6.17
CA THR C 214 -3.42 6.07 5.74
C THR C 214 -3.71 4.58 5.88
N LEU C 215 -4.99 4.28 6.13
CA LEU C 215 -5.45 2.95 6.50
C LEU C 215 -5.60 2.06 5.27
N ASP C 216 -4.87 2.41 4.22
CA ASP C 216 -4.62 1.52 3.08
C ASP C 216 -3.18 1.00 3.16
N ASN C 217 -2.71 0.76 4.38
CA ASN C 217 -1.40 0.15 4.61
C ASN C 217 -0.28 1.02 4.05
N THR C 218 -0.44 2.36 4.15
CA THR C 218 0.53 3.21 3.47
C THR C 218 0.98 4.39 4.30
N LEU C 219 2.28 4.63 4.34
CA LEU C 219 2.86 5.88 4.83
C LEU C 219 3.33 6.70 3.64
N LYS C 220 3.20 8.01 3.72
CA LYS C 220 3.61 8.88 2.63
C LYS C 220 4.32 10.10 3.17
N LEU C 221 5.41 10.48 2.50
CA LEU C 221 6.10 11.74 2.78
C LEU C 221 5.67 12.76 1.75
N TRP C 222 5.17 13.90 2.23
CA TRP C 222 4.54 14.96 1.45
C TRP C 222 5.30 16.25 1.64
N ASP C 223 5.58 16.97 0.55
CA ASP C 223 5.94 18.38 0.62
C ASP C 223 4.62 19.15 0.63
N TYR C 224 4.23 19.64 1.81
CA TYR C 224 2.86 20.10 2.03
C TYR C 224 2.54 21.39 1.27
N SER C 225 3.53 22.28 1.10
CA SER C 225 3.29 23.51 0.36
C SER C 225 3.13 23.21 -1.13
N LYS C 226 3.96 22.31 -1.65
CA LYS C 226 3.91 21.85 -3.02
C LYS C 226 2.78 20.88 -3.27
N GLY C 227 2.23 20.30 -2.20
CA GLY C 227 1.18 19.30 -2.37
C GLY C 227 1.63 18.12 -3.18
N LYS C 228 2.92 17.75 -3.08
CA LYS C 228 3.50 16.69 -3.88
C LYS C 228 3.99 15.57 -2.97
N CYS C 229 3.63 14.34 -3.32
CA CYS C 229 4.08 13.16 -2.59
C CYS C 229 5.48 12.79 -3.06
N LEU C 230 6.46 12.91 -2.15
CA LEU C 230 7.86 12.64 -2.46
C LEU C 230 8.21 11.18 -2.24
N LYS C 231 7.61 10.54 -1.24
CA LYS C 231 7.96 9.15 -0.96
C LYS C 231 6.74 8.40 -0.45
N THR C 232 6.78 7.06 -0.60
CA THR C 232 5.84 6.18 0.07
C THR C 232 6.60 5.05 0.75
N TYR C 233 6.04 4.57 1.86
CA TYR C 233 6.60 3.45 2.60
C TYR C 233 5.49 2.44 2.84
N THR C 234 5.73 1.22 2.36
CA THR C 234 4.74 0.15 2.35
C THR C 234 5.43 -1.14 2.76
N GLY C 235 4.62 -2.18 2.93
CA GLY C 235 5.08 -3.48 3.38
C GLY C 235 4.56 -3.85 4.75
N HIS C 236 4.14 -2.88 5.54
CA HIS C 236 3.59 -3.11 6.86
C HIS C 236 2.08 -3.26 6.77
N LYS C 237 1.43 -3.50 7.90
CA LYS C 237 0.00 -3.68 7.97
C LYS C 237 -0.60 -2.56 8.79
N ASN C 238 -1.47 -1.75 8.17
CA ASN C 238 -2.11 -0.65 8.88
C ASN C 238 -3.46 -0.40 8.21
N GLU C 239 -4.50 -0.98 8.80
CA GLU C 239 -5.85 -0.89 8.26
C GLU C 239 -6.88 -0.48 9.28
N LYS C 240 -6.54 -0.50 10.58
CA LYS C 240 -7.54 -0.44 11.63
C LYS C 240 -7.22 0.55 12.75
N TYR C 241 -5.93 0.78 12.99
CA TYR C 241 -5.49 1.55 14.16
C TYR C 241 -4.70 2.77 13.74
N CYS C 242 -4.75 3.80 14.59
CA CYS C 242 -3.97 5.02 14.38
C CYS C 242 -2.60 4.80 15.01
N ILE C 243 -1.68 4.30 14.20
CA ILE C 243 -0.36 3.89 14.64
C ILE C 243 0.61 5.06 14.45
N PHE C 244 1.36 5.38 15.50
CA PHE C 244 2.36 6.44 15.43
C PHE C 244 3.49 6.06 14.48
N ALA C 245 3.96 7.02 13.69
CA ALA C 245 5.18 6.88 12.91
C ALA C 245 6.17 7.99 13.28
N ASN C 246 7.42 7.79 12.86
CA ASN C 246 8.53 8.54 13.41
C ASN C 246 9.59 8.76 12.33
N PHE C 247 10.25 9.91 12.42
CA PHE C 247 11.53 10.16 11.75
C PHE C 247 12.65 9.81 12.73
N SER C 248 13.48 8.84 12.38
CA SER C 248 14.67 8.51 13.16
C SER C 248 15.88 9.22 12.55
N VAL C 249 16.58 10.01 13.37
CA VAL C 249 17.62 10.90 12.85
C VAL C 249 18.90 10.86 13.69
N THR C 250 18.97 9.96 14.68
CA THR C 250 20.15 9.88 15.52
C THR C 250 21.29 9.11 14.87
N GLY C 251 21.00 8.23 13.93
CA GLY C 251 22.00 7.53 13.15
C GLY C 251 21.67 7.71 11.67
N GLY C 252 21.45 6.61 10.98
CA GLY C 252 20.89 6.70 9.64
C GLY C 252 19.51 7.32 9.68
N LYS C 253 19.09 7.84 8.52
CA LYS C 253 17.83 8.58 8.42
C LYS C 253 16.73 7.57 8.08
N TRP C 254 15.95 7.18 9.09
CA TRP C 254 14.94 6.14 8.93
C TRP C 254 13.52 6.70 9.09
N ILE C 255 12.57 5.91 8.61
CA ILE C 255 11.17 6.01 8.99
C ILE C 255 10.86 4.81 9.87
N VAL C 256 10.17 5.04 10.98
CA VAL C 256 9.88 3.99 11.96
C VAL C 256 8.38 3.96 12.20
N SER C 257 7.79 2.77 12.14
CA SER C 257 6.37 2.66 12.43
C SER C 257 6.06 1.31 13.04
N GLY C 258 5.06 1.30 13.92
CA GLY C 258 4.44 0.06 14.33
C GLY C 258 3.60 -0.52 13.19
N SER C 259 3.02 -1.68 13.46
CA SER C 259 2.32 -2.41 12.41
C SER C 259 1.35 -3.40 13.06
N GLU C 260 0.27 -3.71 12.34
CA GLU C 260 -0.75 -4.61 12.86
C GLU C 260 -0.36 -6.08 12.73
N ASP C 261 0.81 -6.41 12.20
CA ASP C 261 1.33 -7.76 12.24
C ASP C 261 2.31 -7.99 13.40
N ASN C 262 2.30 -7.11 14.41
CA ASN C 262 3.05 -7.23 15.66
C ASN C 262 4.52 -6.89 15.51
N LEU C 263 4.92 -6.26 14.40
CA LEU C 263 6.32 -5.95 14.12
C LEU C 263 6.55 -4.45 14.16
N VAL C 264 7.79 -4.06 14.44
CA VAL C 264 8.26 -2.71 14.14
C VAL C 264 8.93 -2.73 12.78
N TYR C 265 8.56 -1.78 11.93
CA TYR C 265 9.17 -1.59 10.61
C TYR C 265 10.06 -0.37 10.61
N ILE C 266 11.21 -0.50 9.95
CA ILE C 266 12.16 0.60 9.76
C ILE C 266 12.50 0.64 8.28
N TRP C 267 12.30 1.81 7.65
CA TRP C 267 12.56 2.05 6.24
C TRP C 267 13.69 3.05 6.07
N ASN C 268 14.47 2.86 5.01
CA ASN C 268 15.37 3.90 4.54
C ASN C 268 14.54 5.05 3.98
N LEU C 269 14.74 6.26 4.54
CA LEU C 269 13.85 7.37 4.19
C LEU C 269 13.97 7.72 2.72
N GLN C 270 15.18 7.62 2.16
CA GLN C 270 15.42 8.10 0.80
C GLN C 270 15.05 7.05 -0.24
N THR C 271 15.39 5.80 0.00
CA THR C 271 15.20 4.74 -0.98
C THR C 271 13.89 4.01 -0.80
N LYS C 272 13.26 4.12 0.38
CA LYS C 272 11.96 3.56 0.74
C LYS C 272 12.06 2.07 1.03
N GLU C 273 13.26 1.48 1.01
CA GLU C 273 13.38 0.06 1.30
C GLU C 273 13.24 -0.19 2.79
N ILE C 274 12.63 -1.32 3.12
CA ILE C 274 12.61 -1.75 4.50
C ILE C 274 14.00 -2.20 4.87
N VAL C 275 14.54 -1.66 5.95
CA VAL C 275 15.86 -2.04 6.41
C VAL C 275 15.80 -2.89 7.67
N GLN C 276 14.68 -2.92 8.40
CA GLN C 276 14.69 -3.84 9.53
C GLN C 276 13.26 -4.14 10.01
N LYS C 277 13.05 -5.34 10.54
CA LYS C 277 11.79 -5.62 11.27
C LYS C 277 12.15 -6.22 12.60
N LEU C 278 11.57 -5.64 13.64
CA LEU C 278 11.80 -6.00 15.02
C LEU C 278 10.62 -6.88 15.44
N GLN C 279 10.89 -8.14 15.79
CA GLN C 279 9.92 -9.13 16.23
C GLN C 279 10.04 -9.31 17.72
N GLY C 280 8.91 -9.62 18.36
CA GLY C 280 8.86 -9.91 19.77
C GLY C 280 7.56 -9.54 20.44
N HIS C 281 6.91 -8.46 19.98
CA HIS C 281 5.57 -8.17 20.48
C HIS C 281 4.58 -9.25 20.04
N THR C 282 3.48 -9.36 20.78
CA THR C 282 2.47 -10.37 20.53
C THR C 282 1.11 -9.74 20.24
N ASP C 283 1.07 -8.44 19.97
CA ASP C 283 -0.13 -7.76 19.54
C ASP C 283 0.29 -6.55 18.72
N VAL C 284 -0.70 -5.88 18.12
CA VAL C 284 -0.49 -4.68 17.31
C VAL C 284 0.47 -3.72 18.00
N VAL C 285 1.47 -3.24 17.25
CA VAL C 285 2.42 -2.24 17.77
C VAL C 285 1.80 -0.88 17.47
N ILE C 286 1.04 -0.37 18.45
CA ILE C 286 0.28 0.86 18.27
C ILE C 286 1.17 2.08 18.25
N SER C 287 2.31 2.02 18.92
CA SER C 287 3.11 3.21 19.15
C SER C 287 4.59 2.86 19.11
N THR C 288 5.35 3.70 18.44
CA THR C 288 6.80 3.68 18.50
C THR C 288 7.27 5.11 18.72
N ALA C 289 8.44 5.22 19.33
CA ALA C 289 9.09 6.50 19.56
C ALA C 289 10.59 6.33 19.38
N CYS C 290 11.24 7.40 18.95
CA CYS C 290 12.68 7.40 18.68
C CYS C 290 13.38 8.31 19.68
N HIS C 291 14.41 7.78 20.33
CA HIS C 291 15.11 8.53 21.36
C HIS C 291 15.79 9.75 20.74
N PRO C 292 15.76 10.90 21.43
CA PRO C 292 16.25 12.14 20.80
C PRO C 292 17.76 12.22 20.56
N THR C 293 18.58 11.40 21.21
CA THR C 293 20.03 11.51 20.99
C THR C 293 20.69 10.15 20.70
N GLU C 294 20.15 9.08 21.24
CA GLU C 294 20.73 7.76 21.05
C GLU C 294 19.87 6.91 20.12
N ASN C 295 20.48 5.87 19.56
CA ASN C 295 19.78 4.96 18.65
C ASN C 295 18.96 3.95 19.43
N ILE C 296 17.88 4.44 20.02
CA ILE C 296 16.97 3.65 20.84
C ILE C 296 15.55 3.87 20.35
N ILE C 297 14.84 2.78 20.13
CA ILE C 297 13.41 2.82 19.81
C ILE C 297 12.63 2.27 20.99
N ALA C 298 11.55 2.96 21.35
CA ALA C 298 10.56 2.40 22.26
C ALA C 298 9.34 1.99 21.45
N SER C 299 8.81 0.80 21.74
CA SER C 299 7.64 0.29 21.05
C SER C 299 6.65 -0.21 22.09
N ALA C 300 5.36 -0.10 21.77
CA ALA C 300 4.32 -0.49 22.71
C ALA C 300 3.18 -1.17 21.97
N ALA C 301 2.47 -2.07 22.67
CA ALA C 301 1.52 -2.95 22.02
C ALA C 301 0.19 -3.02 22.76
N LEU C 302 -0.81 -3.53 22.06
CA LEU C 302 -2.19 -3.53 22.51
C LEU C 302 -2.50 -4.66 23.49
N GLU C 303 -3.79 -4.98 23.65
CA GLU C 303 -4.29 -5.69 24.83
C GLU C 303 -3.66 -7.06 25.04
N ASN C 304 -3.31 -7.78 23.97
CA ASN C 304 -2.78 -9.12 24.20
C ASN C 304 -1.29 -9.11 24.54
N ASP C 305 -0.69 -7.92 24.62
CA ASP C 305 0.73 -7.77 24.92
C ASP C 305 0.91 -6.89 26.15
N LYS C 306 0.49 -5.62 26.09
CA LYS C 306 0.51 -4.66 27.18
C LYS C 306 1.90 -4.27 27.63
N THR C 307 2.95 -4.65 26.89
CA THR C 307 4.30 -4.35 27.31
C THR C 307 4.92 -3.31 26.39
N ILE C 308 5.97 -2.69 26.90
CA ILE C 308 6.81 -1.78 26.15
C ILE C 308 8.15 -2.45 25.96
N LYS C 309 8.72 -2.31 24.77
CA LYS C 309 10.06 -2.82 24.50
C LYS C 309 10.99 -1.68 24.11
N LEU C 310 12.23 -1.76 24.61
CA LEU C 310 13.29 -0.83 24.29
C LEU C 310 14.30 -1.56 23.40
N TRP C 311 14.64 -0.95 22.27
CA TRP C 311 15.49 -1.55 21.25
C TRP C 311 16.67 -0.63 21.03
N LYS C 312 17.85 -1.20 20.78
CA LYS C 312 19.05 -0.38 20.65
C LYS C 312 19.89 -0.84 19.45
N SER C 313 20.41 0.14 18.72
CA SER C 313 21.19 -0.11 17.50
C SER C 313 22.49 0.70 17.52
N ASP C 314 23.42 0.31 16.66
CA ASP C 314 24.68 1.05 16.51
C ASP C 314 24.58 2.20 15.54
N CYS C 315 23.54 2.23 14.69
CA CYS C 315 23.32 3.35 13.78
C CYS C 315 21.82 3.49 13.59
N GLY D 1 -11.58 0.52 27.93
CA GLY D 1 -10.39 0.68 27.11
C GLY D 1 -10.13 2.12 26.72
N SER D 2 -9.59 2.34 25.53
CA SER D 2 -9.31 3.69 25.07
C SER D 2 -9.56 3.77 23.56
N ALA D 3 -9.90 4.97 23.09
CA ALA D 3 -10.25 5.14 21.69
C ALA D 3 -9.10 4.72 20.78
N ARG D 4 -7.86 5.00 21.17
CA ARG D 4 -6.74 4.61 20.32
C ARG D 4 -6.60 3.11 20.25
N ALA D 5 -6.97 2.41 21.32
CA ALA D 5 -6.85 0.96 21.39
C ALA D 5 -8.09 0.27 20.82
N ARG D 6 -9.01 1.01 20.19
CA ARG D 6 -10.15 0.37 19.54
C ARG D 6 -10.11 0.55 18.03
N PRO D 7 -10.46 -0.49 17.27
CA PRO D 7 -10.41 -0.39 15.80
C PRO D 7 -11.54 0.47 15.23
N GLY D 8 -11.26 1.07 14.08
CA GLY D 8 -12.20 1.96 13.42
C GLY D 8 -11.59 2.60 12.18
#